data_9C4S
#
_entry.id   9C4S
#
_cell.length_a   48.695
_cell.length_b   80.012
_cell.length_c   124.358
_cell.angle_alpha   90.00
_cell.angle_beta   90.00
_cell.angle_gamma   90.00
#
_symmetry.space_group_name_H-M   'P 21 21 21'
#
loop_
_entity.id
_entity.type
_entity.pdbx_description
1 polymer Menin
2 polymer 'MLL cleavage product N320'
3 non-polymer 'SULFATE ION'
4 non-polymer 'PENTAETHYLENE GLYCOL'
5 non-polymer 2-(2-METHOXYETHOXY)ETHANOL
6 non-polymer 1,2-ETHANEDIOL
7 water water
#
loop_
_entity_poly.entity_id
_entity_poly.type
_entity_poly.pdbx_seq_one_letter_code
_entity_poly.pdbx_strand_id
1 'polypeptide(L)'
;GGSSSMGLKAAQKTLFPLRSIDDVVRLFAAELGREEPDLVLLSLVLGFVEHFLAVNRVGLTYFPVADLSIIAALYARFTA
QIRGAVDLSLYPREGGVSSRELVKKVSDVIWNSLSRSYFKDRAHIQSLFSFITGTKLDSSGVAFAVVGACQALGLRDVHL
ALSEDHAWVVFGPNGEQTAEVTWHGKGNEDRRGQTVNAGVAERSWLYLKGSYMRCDRKMEVAFMVCAINPSIDLHTDSLE
LLQLQQKLLWLLYDLGHLERYPMALGNLADLEELEPTPGRPDPLTLYHKGIASAKTYYRDEHIYPYMYLARYHCRNRNVR
EALQAWADTATVIQDYNYCREDEEIYKEFFEVANDVIPNLLKEAASLLEAGSQGSALQDPECFAHLLRFYDGICKWEEGS
PTPVLHVGWATFLVQSLGRFEGQVRQKVRIVSVPAPAASPPPEGPVLTFQSEKMKGMKELLVATKINSSAIKLQLTAQSQ
VQMKKQKVS
;
A
2 'polypeptide(L)' (ACE)SARWRFPARPGT(NH2) B
#
# COMPACT_ATOMS: atom_id res chain seq x y z
N GLY A 7 -16.50 -28.86 -6.48
CA GLY A 7 -15.57 -29.61 -5.62
C GLY A 7 -15.55 -29.09 -4.17
N LEU A 8 -16.62 -28.41 -3.75
CA LEU A 8 -16.75 -27.93 -2.38
C LEU A 8 -17.09 -29.10 -1.47
N LYS A 9 -16.62 -29.03 -0.21
CA LYS A 9 -16.95 -30.04 0.78
C LYS A 9 -18.29 -29.69 1.40
N ALA A 10 -19.00 -30.70 1.94
CA ALA A 10 -20.37 -30.46 2.34
C ALA A 10 -20.48 -29.36 3.41
N ALA A 11 -19.48 -29.28 4.31
CA ALA A 11 -19.46 -28.27 5.35
C ALA A 11 -19.35 -26.86 4.78
N GLN A 12 -18.76 -26.75 3.59
CA GLN A 12 -18.56 -25.43 3.01
C GLN A 12 -19.88 -24.86 2.48
N LYS A 13 -20.94 -25.69 2.35
CA LYS A 13 -22.11 -25.27 1.61
C LYS A 13 -23.32 -24.92 2.48
N THR A 14 -23.22 -25.19 3.80
CA THR A 14 -24.39 -25.15 4.68
C THR A 14 -24.86 -23.73 5.00
N LEU A 15 -24.01 -22.69 4.82
CA LEU A 15 -24.48 -21.32 5.03
C LEU A 15 -25.22 -20.75 3.82
N PHE A 16 -25.14 -21.39 2.65
CA PHE A 16 -25.80 -20.82 1.49
C PHE A 16 -27.31 -21.06 1.60
N PRO A 17 -28.15 -20.15 1.06
CA PRO A 17 -27.70 -18.96 0.35
C PRO A 17 -27.22 -17.84 1.26
N LEU A 18 -26.26 -17.06 0.76
CA LEU A 18 -25.82 -15.90 1.52
C LEU A 18 -26.72 -14.74 1.16
N ARG A 19 -27.47 -14.21 2.14
CA ARG A 19 -28.48 -13.22 1.85
C ARG A 19 -28.17 -11.86 2.47
N SER A 20 -27.02 -11.74 3.15
CA SER A 20 -26.67 -10.50 3.81
C SER A 20 -25.15 -10.42 3.97
N ILE A 21 -24.71 -9.22 4.33
CA ILE A 21 -23.35 -8.98 4.79
C ILE A 21 -22.98 -9.94 5.91
N ASP A 22 -23.85 -10.06 6.92
CA ASP A 22 -23.51 -10.93 8.03
C ASP A 22 -23.37 -12.37 7.61
N ASP A 23 -24.15 -12.78 6.58
CA ASP A 23 -24.03 -14.13 6.07
C ASP A 23 -22.67 -14.36 5.38
N VAL A 24 -22.18 -13.31 4.72
CA VAL A 24 -20.84 -13.35 4.15
C VAL A 24 -19.79 -13.45 5.25
N VAL A 25 -19.94 -12.64 6.31
CA VAL A 25 -19.02 -12.69 7.43
C VAL A 25 -19.01 -14.07 8.07
N ARG A 26 -20.22 -14.67 8.26
CA ARG A 26 -20.28 -16.01 8.83
C ARG A 26 -19.52 -17.03 8.00
N LEU A 27 -19.57 -16.88 6.66
CA LEU A 27 -18.82 -17.76 5.78
C LEU A 27 -17.31 -17.58 5.96
N PHE A 28 -16.86 -16.33 5.95
CA PHE A 28 -15.45 -16.08 6.24
C PHE A 28 -15.01 -16.65 7.59
N ALA A 29 -15.84 -16.52 8.64
CA ALA A 29 -15.52 -17.04 9.95
C ALA A 29 -15.34 -18.57 9.95
N ALA A 30 -16.23 -19.23 9.21
CA ALA A 30 -16.22 -20.66 9.12
C ALA A 30 -14.99 -21.13 8.38
N GLU A 31 -14.66 -20.43 7.28
CA GLU A 31 -13.46 -20.77 6.54
C GLU A 31 -12.19 -20.55 7.36
N LEU A 32 -12.15 -19.44 8.10
CA LEU A 32 -10.98 -19.06 8.88
C LEU A 32 -10.81 -19.98 10.10
N GLY A 33 -11.87 -20.76 10.36
CA GLY A 33 -11.86 -21.78 11.39
C GLY A 33 -11.39 -23.14 10.87
N ARG A 34 -11.31 -23.29 9.54
CA ARG A 34 -10.84 -24.53 8.94
C ARG A 34 -9.32 -24.57 8.96
N GLU A 35 -8.81 -25.78 8.71
CA GLU A 35 -7.40 -26.08 8.54
C GLU A 35 -6.76 -24.96 7.71
N GLU A 36 -7.24 -24.85 6.45
CA GLU A 36 -6.89 -23.80 5.51
C GLU A 36 -8.14 -23.22 4.87
N PRO A 37 -8.34 -21.89 4.93
CA PRO A 37 -9.47 -21.22 4.30
C PRO A 37 -9.37 -21.39 2.78
N ASP A 38 -10.51 -21.62 2.16
CA ASP A 38 -10.60 -21.85 0.74
C ASP A 38 -10.60 -20.53 -0.03
N LEU A 39 -9.41 -20.17 -0.58
CA LEU A 39 -9.24 -18.86 -1.22
C LEU A 39 -10.14 -18.71 -2.45
N VAL A 40 -10.33 -19.80 -3.20
CA VAL A 40 -11.14 -19.77 -4.41
C VAL A 40 -12.60 -19.50 -4.07
N LEU A 41 -13.13 -20.24 -3.09
CA LEU A 41 -14.49 -19.99 -2.65
C LEU A 41 -14.70 -18.54 -2.20
N LEU A 42 -13.77 -18.05 -1.36
CA LEU A 42 -13.97 -16.75 -0.73
C LEU A 42 -13.87 -15.63 -1.76
N SER A 43 -12.89 -15.76 -2.68
CA SER A 43 -12.74 -14.73 -3.70
C SER A 43 -13.91 -14.70 -4.69
N LEU A 44 -14.46 -15.89 -4.99
CA LEU A 44 -15.63 -15.95 -5.85
C LEU A 44 -16.82 -15.25 -5.19
N VAL A 45 -16.99 -15.50 -3.88
CA VAL A 45 -18.09 -14.88 -3.14
C VAL A 45 -17.92 -13.36 -3.11
N LEU A 46 -16.70 -12.88 -2.79
CA LEU A 46 -16.49 -11.46 -2.76
C LEU A 46 -16.72 -10.82 -4.12
N GLY A 47 -16.18 -11.43 -5.18
CA GLY A 47 -16.34 -10.91 -6.51
C GLY A 47 -17.80 -10.84 -6.96
N PHE A 48 -18.55 -11.88 -6.61
CA PHE A 48 -19.96 -11.97 -6.97
C PHE A 48 -20.69 -10.79 -6.34
N VAL A 49 -20.45 -10.61 -5.02
CA VAL A 49 -21.15 -9.57 -4.27
C VAL A 49 -20.72 -8.20 -4.76
N GLU A 50 -19.41 -8.00 -4.99
CA GLU A 50 -18.96 -6.73 -5.53
C GLU A 50 -19.52 -6.45 -6.93
N HIS A 51 -19.67 -7.49 -7.77
CA HIS A 51 -20.20 -7.27 -9.09
C HIS A 51 -21.59 -6.65 -8.98
N PHE A 52 -22.39 -7.23 -8.10
CA PHE A 52 -23.81 -6.89 -8.02
C PHE A 52 -24.06 -5.73 -7.05
N LEU A 53 -23.02 -5.21 -6.38
CA LEU A 53 -23.16 -4.01 -5.55
C LEU A 53 -22.44 -2.80 -6.19
N ALA A 54 -21.53 -3.03 -7.13
CA ALA A 54 -20.73 -1.95 -7.67
C ALA A 54 -20.71 -1.92 -9.18
N VAL A 55 -20.67 -3.08 -9.85
CA VAL A 55 -20.52 -3.09 -11.28
C VAL A 55 -21.89 -3.02 -11.95
N ASN A 56 -22.88 -3.69 -11.36
CA ASN A 56 -24.24 -3.80 -11.90
C ASN A 56 -25.25 -3.95 -10.75
N ARG A 57 -25.80 -2.84 -10.23
CA ARG A 57 -26.72 -2.87 -9.09
C ARG A 57 -28.19 -3.02 -9.50
N VAL A 58 -28.46 -3.16 -10.80
CA VAL A 58 -29.81 -3.29 -11.34
C VAL A 58 -30.56 -4.43 -10.62
N GLY A 59 -31.65 -4.08 -9.92
CA GLY A 59 -32.52 -5.08 -9.30
C GLY A 59 -32.14 -5.39 -7.85
N LEU A 60 -31.14 -4.67 -7.32
CA LEU A 60 -30.72 -4.87 -5.94
C LEU A 60 -31.81 -4.37 -5.00
N THR A 61 -32.10 -5.19 -3.99
CA THR A 61 -33.13 -4.83 -3.04
C THR A 61 -32.49 -4.70 -1.66
N TYR A 62 -31.72 -5.72 -1.27
CA TYR A 62 -31.01 -5.63 0.00
C TYR A 62 -29.54 -5.97 -0.26
N PHE A 63 -29.36 -7.18 -0.77
CA PHE A 63 -28.04 -7.75 -0.89
C PHE A 63 -28.16 -8.77 -2.01
N PRO A 64 -27.13 -8.93 -2.87
CA PRO A 64 -27.21 -9.93 -3.95
C PRO A 64 -27.11 -11.32 -3.36
N VAL A 65 -28.23 -12.04 -3.37
CA VAL A 65 -28.22 -13.33 -2.73
C VAL A 65 -27.28 -14.25 -3.51
N ALA A 66 -26.35 -14.86 -2.78
CA ALA A 66 -25.40 -15.79 -3.36
C ALA A 66 -25.94 -17.20 -3.14
N ASP A 67 -26.51 -17.74 -4.21
CA ASP A 67 -27.00 -19.10 -4.21
C ASP A 67 -25.85 -20.10 -4.39
N LEU A 68 -25.97 -21.21 -3.70
CA LEU A 68 -25.00 -22.28 -3.78
C LEU A 68 -24.78 -22.67 -5.23
N SER A 69 -25.84 -22.91 -6.00
CA SER A 69 -25.66 -23.43 -7.34
C SER A 69 -24.83 -22.50 -8.25
N ILE A 70 -24.95 -21.17 -8.10
CA ILE A 70 -24.17 -20.19 -8.85
C ILE A 70 -22.69 -20.27 -8.44
N ILE A 71 -22.45 -20.15 -7.14
CA ILE A 71 -21.09 -20.10 -6.62
C ILE A 71 -20.40 -21.44 -6.92
N ALA A 72 -21.10 -22.56 -6.69
CA ALA A 72 -20.51 -23.87 -6.94
C ALA A 72 -20.17 -24.02 -8.44
N ALA A 73 -21.00 -23.44 -9.34
CA ALA A 73 -20.76 -23.60 -10.77
C ALA A 73 -19.49 -22.85 -11.16
N LEU A 74 -19.34 -21.66 -10.58
CA LEU A 74 -18.15 -20.85 -10.81
C LEU A 74 -16.93 -21.58 -10.27
N TYR A 75 -17.05 -22.11 -9.05
CA TYR A 75 -15.95 -22.81 -8.44
C TYR A 75 -15.49 -23.97 -9.30
N ALA A 76 -16.47 -24.73 -9.80
CA ALA A 76 -16.13 -25.85 -10.63
C ALA A 76 -15.52 -25.45 -11.96
N ARG A 77 -15.92 -24.30 -12.54
CA ARG A 77 -15.29 -23.82 -13.77
C ARG A 77 -13.79 -23.56 -13.50
N PHE A 78 -13.51 -22.93 -12.37
CA PHE A 78 -12.12 -22.61 -12.05
C PHE A 78 -11.30 -23.87 -11.80
N THR A 79 -11.78 -24.77 -10.94
CA THR A 79 -10.97 -25.90 -10.54
C THR A 79 -10.78 -26.80 -11.76
N ALA A 80 -11.77 -26.87 -12.67
CA ALA A 80 -11.64 -27.67 -13.88
C ALA A 80 -10.59 -27.09 -14.81
N GLN A 81 -10.61 -25.77 -14.98
CA GLN A 81 -9.67 -25.09 -15.84
C GLN A 81 -8.24 -25.39 -15.35
N ILE A 82 -8.00 -25.27 -14.04
CA ILE A 82 -6.65 -25.38 -13.51
C ILE A 82 -6.23 -26.84 -13.55
N ARG A 83 -7.08 -27.73 -13.05
CA ARG A 83 -6.68 -29.13 -12.96
C ARG A 83 -6.52 -29.73 -14.35
N GLY A 84 -7.23 -29.25 -15.37
CA GLY A 84 -7.04 -29.82 -16.69
C GLY A 84 -5.78 -29.32 -17.39
N ALA A 85 -5.31 -28.12 -16.99
CA ALA A 85 -4.19 -27.47 -17.66
C ALA A 85 -2.85 -27.75 -16.98
N VAL A 86 -2.88 -28.13 -15.70
CA VAL A 86 -1.68 -28.45 -14.93
C VAL A 86 -1.70 -29.93 -14.55
N ASP A 87 -0.92 -30.74 -15.25
CA ASP A 87 -0.74 -32.13 -14.90
C ASP A 87 0.38 -32.29 -13.88
N LEU A 88 0.02 -32.52 -12.61
CA LEU A 88 0.99 -32.60 -11.53
C LEU A 88 1.99 -33.74 -11.71
N SER A 89 1.66 -34.79 -12.50
CA SER A 89 2.62 -35.86 -12.71
C SER A 89 3.86 -35.40 -13.49
N LEU A 90 3.77 -34.29 -14.23
CA LEU A 90 4.93 -33.82 -14.96
C LEU A 90 5.91 -33.10 -14.02
N TYR A 91 5.53 -32.89 -12.74
CA TYR A 91 6.26 -32.02 -11.79
C TYR A 91 6.31 -32.69 -10.42
N PRO A 92 7.11 -33.77 -10.24
CA PRO A 92 7.16 -34.52 -8.98
C PRO A 92 7.48 -33.65 -7.76
N ARG A 93 6.72 -33.87 -6.67
CA ARG A 93 6.80 -33.07 -5.46
C ARG A 93 7.38 -33.89 -4.30
N GLU A 94 8.70 -33.78 -4.11
CA GLU A 94 9.37 -34.31 -2.92
C GLU A 94 9.00 -33.43 -1.72
N GLY A 95 8.42 -34.05 -0.69
CA GLY A 95 8.43 -33.52 0.66
C GLY A 95 7.62 -32.23 0.86
N GLY A 96 6.46 -32.13 0.21
CA GLY A 96 5.56 -30.99 0.39
C GLY A 96 6.14 -29.69 -0.14
N VAL A 97 7.10 -29.80 -1.09
CA VAL A 97 7.74 -28.67 -1.73
C VAL A 97 7.42 -28.64 -3.22
N SER A 98 6.95 -27.49 -3.74
CA SER A 98 6.75 -27.29 -5.15
C SER A 98 8.04 -26.90 -5.84
N SER A 99 8.13 -27.18 -7.12
CA SER A 99 9.27 -26.80 -7.95
C SER A 99 9.01 -25.47 -8.64
N ARG A 100 10.08 -24.79 -9.07
CA ARG A 100 9.96 -23.56 -9.83
C ARG A 100 9.24 -23.78 -11.16
N GLU A 101 9.46 -24.94 -11.80
CA GLU A 101 8.80 -25.25 -13.06
C GLU A 101 7.28 -25.38 -12.88
N LEU A 102 6.84 -25.94 -11.77
CA LEU A 102 5.41 -26.09 -11.49
C LEU A 102 4.80 -24.71 -11.24
N VAL A 103 5.48 -23.88 -10.43
CA VAL A 103 4.94 -22.54 -10.17
C VAL A 103 4.84 -21.75 -11.47
N LYS A 104 5.87 -21.85 -12.33
CA LYS A 104 5.87 -21.20 -13.61
C LYS A 104 4.69 -21.70 -14.45
N LYS A 105 4.44 -23.00 -14.41
CA LYS A 105 3.33 -23.56 -15.17
C LYS A 105 1.99 -22.97 -14.74
N VAL A 106 1.75 -22.91 -13.44
CA VAL A 106 0.50 -22.36 -12.94
C VAL A 106 0.39 -20.89 -13.34
N SER A 107 1.48 -20.13 -13.14
CA SER A 107 1.51 -18.74 -13.57
C SER A 107 1.15 -18.60 -15.05
N ASP A 108 1.72 -19.47 -15.92
CA ASP A 108 1.47 -19.36 -17.34
C ASP A 108 0.01 -19.72 -17.67
N VAL A 109 -0.56 -20.68 -16.96
CA VAL A 109 -1.97 -21.03 -17.18
C VAL A 109 -2.86 -19.83 -16.89
N ILE A 110 -2.62 -19.13 -15.79
CA ILE A 110 -3.43 -17.96 -15.46
C ILE A 110 -3.22 -16.88 -16.52
N TRP A 111 -1.94 -16.58 -16.82
CA TRP A 111 -1.58 -15.54 -17.76
C TRP A 111 -2.20 -15.75 -19.13
N ASN A 112 -2.05 -16.97 -19.64
CA ASN A 112 -2.45 -17.28 -20.99
C ASN A 112 -3.97 -17.33 -21.08
N SER A 113 -4.69 -17.36 -19.96
CA SER A 113 -6.16 -17.38 -19.91
C SER A 113 -6.72 -15.98 -20.12
N LEU A 114 -5.93 -14.94 -19.87
CA LEU A 114 -6.47 -13.59 -19.84
C LEU A 114 -6.78 -13.11 -21.26
N SER A 115 -7.72 -12.16 -21.33
CA SER A 115 -8.05 -11.46 -22.56
C SER A 115 -6.81 -10.80 -23.13
N ARG A 116 -6.67 -10.82 -24.47
CA ARG A 116 -5.43 -10.35 -25.10
C ARG A 116 -5.20 -8.85 -24.87
N SER A 117 -6.30 -8.09 -24.90
CA SER A 117 -6.25 -6.65 -24.80
C SER A 117 -7.37 -6.16 -23.89
N TYR A 118 -7.03 -5.48 -22.79
CA TYR A 118 -8.00 -4.81 -21.94
C TYR A 118 -7.29 -3.77 -21.08
N PHE A 119 -8.02 -2.80 -20.49
CA PHE A 119 -7.43 -1.83 -19.59
C PHE A 119 -7.15 -2.43 -18.23
N LYS A 120 -5.88 -2.35 -17.81
CA LYS A 120 -5.42 -3.04 -16.62
C LYS A 120 -5.70 -2.26 -15.34
N ASP A 121 -6.09 -0.99 -15.50
CA ASP A 121 -6.32 -0.10 -14.37
C ASP A 121 -7.82 0.06 -14.11
N ARG A 122 -8.64 -0.84 -14.67
CA ARG A 122 -10.05 -0.82 -14.37
C ARG A 122 -10.30 -1.31 -12.95
N ALA A 123 -11.36 -0.82 -12.31
CA ALA A 123 -11.82 -1.33 -11.04
C ALA A 123 -12.54 -2.66 -11.21
N HIS A 124 -12.58 -3.45 -10.12
CA HIS A 124 -13.43 -4.62 -10.02
C HIS A 124 -12.97 -5.79 -10.90
N ILE A 125 -11.66 -5.82 -11.20
CA ILE A 125 -11.08 -6.95 -11.90
C ILE A 125 -10.00 -7.59 -11.04
N GLN A 126 -10.23 -7.68 -9.73
CA GLN A 126 -9.25 -8.21 -8.78
C GLN A 126 -9.52 -9.66 -8.39
N SER A 127 -10.74 -10.16 -8.55
CA SER A 127 -11.19 -11.40 -7.94
C SER A 127 -11.23 -12.55 -8.95
N LEU A 128 -11.39 -13.74 -8.39
CA LEU A 128 -11.53 -14.90 -9.26
C LEU A 128 -12.89 -14.83 -9.98
N PHE A 129 -13.84 -14.08 -9.46
CA PHE A 129 -15.07 -13.83 -10.22
C PHE A 129 -14.78 -13.16 -11.54
N SER A 130 -13.95 -12.11 -11.51
CA SER A 130 -13.53 -11.43 -12.72
C SER A 130 -12.78 -12.35 -13.65
N PHE A 131 -11.87 -13.17 -13.10
CA PHE A 131 -11.08 -14.07 -13.93
C PHE A 131 -11.99 -15.06 -14.66
N ILE A 132 -12.97 -15.63 -13.97
CA ILE A 132 -13.84 -16.65 -14.56
C ILE A 132 -14.82 -16.03 -15.54
N THR A 133 -15.45 -14.93 -15.15
CA THR A 133 -16.56 -14.42 -15.96
C THR A 133 -16.06 -13.51 -17.06
N GLY A 134 -14.99 -12.73 -16.85
CA GLY A 134 -14.51 -11.73 -17.80
C GLY A 134 -13.12 -11.99 -18.35
N THR A 135 -12.44 -13.04 -17.89
CA THR A 135 -11.06 -13.36 -18.26
C THR A 135 -10.17 -12.12 -18.14
N LYS A 136 -10.41 -11.32 -17.07
CA LYS A 136 -9.65 -10.11 -16.82
C LYS A 136 -9.17 -10.08 -15.37
N LEU A 137 -7.88 -9.70 -15.18
CA LEU A 137 -7.32 -9.52 -13.84
C LEU A 137 -6.40 -8.29 -13.81
N ASP A 138 -6.40 -7.58 -12.70
CA ASP A 138 -5.40 -6.52 -12.48
C ASP A 138 -4.07 -7.16 -12.06
N SER A 139 -3.03 -6.31 -11.90
N SER A 139 -3.02 -6.34 -11.90
CA SER A 139 -1.67 -6.79 -11.70
CA SER A 139 -1.68 -6.90 -11.75
C SER A 139 -1.56 -7.72 -10.51
C SER A 139 -1.57 -7.77 -10.49
N SER A 140 -2.03 -7.25 -9.34
CA SER A 140 -1.88 -8.04 -8.15
C SER A 140 -2.88 -9.20 -8.12
N GLY A 141 -4.00 -9.04 -8.84
CA GLY A 141 -5.01 -10.07 -8.96
C GLY A 141 -4.46 -11.34 -9.61
N VAL A 142 -3.56 -11.17 -10.57
CA VAL A 142 -2.89 -12.33 -11.17
C VAL A 142 -2.12 -13.12 -10.11
N ALA A 143 -1.36 -12.42 -9.27
CA ALA A 143 -0.59 -13.15 -8.25
C ALA A 143 -1.53 -13.88 -7.32
N PHE A 144 -2.62 -13.23 -6.91
CA PHE A 144 -3.57 -13.90 -6.03
C PHE A 144 -4.14 -15.13 -6.70
N ALA A 145 -4.51 -15.00 -8.00
CA ALA A 145 -5.09 -16.14 -8.72
C ALA A 145 -4.11 -17.30 -8.82
N VAL A 146 -2.82 -17.02 -8.98
CA VAL A 146 -1.82 -18.06 -9.03
C VAL A 146 -1.80 -18.78 -7.69
N VAL A 147 -1.87 -18.05 -6.56
CA VAL A 147 -1.90 -18.71 -5.27
C VAL A 147 -3.20 -19.51 -5.08
N GLY A 148 -4.32 -18.96 -5.49
CA GLY A 148 -5.58 -19.72 -5.38
C GLY A 148 -5.56 -20.99 -6.21
N ALA A 149 -4.95 -20.95 -7.41
CA ALA A 149 -4.81 -22.09 -8.28
C ALA A 149 -3.94 -23.14 -7.60
N CYS A 150 -2.83 -22.68 -7.00
CA CYS A 150 -1.91 -23.57 -6.31
C CYS A 150 -2.63 -24.28 -5.17
N GLN A 151 -3.42 -23.56 -4.39
CA GLN A 151 -4.18 -24.18 -3.31
C GLN A 151 -5.13 -25.23 -3.89
N ALA A 152 -5.77 -24.89 -5.02
CA ALA A 152 -6.74 -25.84 -5.64
C ALA A 152 -6.04 -27.12 -6.02
N LEU A 153 -4.75 -27.04 -6.36
CA LEU A 153 -3.93 -28.17 -6.73
C LEU A 153 -3.29 -28.89 -5.54
N GLY A 154 -3.49 -28.43 -4.28
CA GLY A 154 -2.90 -29.04 -3.10
C GLY A 154 -1.45 -28.64 -2.84
N LEU A 155 -1.04 -27.48 -3.39
CA LEU A 155 0.33 -27.02 -3.20
C LEU A 155 0.40 -26.09 -1.98
N ARG A 156 0.56 -26.67 -0.81
CA ARG A 156 0.32 -25.95 0.43
C ARG A 156 1.46 -24.97 0.69
N ASP A 157 2.60 -25.16 0.01
CA ASP A 157 3.80 -24.35 0.27
C ASP A 157 3.80 -23.05 -0.53
N VAL A 158 2.90 -22.90 -1.50
CA VAL A 158 2.92 -21.71 -2.35
C VAL A 158 2.08 -20.62 -1.72
N HIS A 159 2.69 -19.44 -1.54
CA HIS A 159 2.07 -18.38 -0.79
C HIS A 159 2.31 -17.04 -1.47
N LEU A 160 1.42 -16.13 -1.17
CA LEU A 160 1.50 -14.76 -1.68
C LEU A 160 2.59 -13.97 -0.93
N ALA A 161 3.41 -13.26 -1.69
CA ALA A 161 4.35 -12.28 -1.13
C ALA A 161 3.88 -10.91 -1.62
N LEU A 162 4.03 -9.93 -0.72
CA LEU A 162 3.52 -8.59 -0.96
C LEU A 162 4.55 -7.57 -0.49
N SER A 163 4.84 -6.63 -1.39
CA SER A 163 5.47 -5.38 -0.95
C SER A 163 4.40 -4.32 -0.82
N GLU A 164 4.79 -3.02 -0.80
CA GLU A 164 3.76 -2.00 -0.71
C GLU A 164 3.21 -1.64 -2.09
N ASP A 165 3.79 -2.14 -3.19
CA ASP A 165 3.34 -1.83 -4.55
C ASP A 165 3.45 -2.98 -5.54
N HIS A 166 3.72 -4.19 -5.05
CA HIS A 166 3.90 -5.31 -5.94
C HIS A 166 3.57 -6.60 -5.20
N ALA A 167 3.31 -7.67 -5.98
CA ALA A 167 2.97 -8.99 -5.46
C ALA A 167 3.68 -10.06 -6.27
N TRP A 168 4.07 -11.14 -5.57
CA TRP A 168 4.69 -12.28 -6.24
C TRP A 168 4.37 -13.52 -5.38
N VAL A 169 5.08 -14.65 -5.59
N VAL A 169 5.18 -14.58 -5.55
CA VAL A 169 4.86 -15.84 -4.77
CA VAL A 169 4.97 -15.79 -4.77
C VAL A 169 6.16 -16.35 -4.16
C VAL A 169 6.24 -16.28 -4.09
N VAL A 170 6.04 -16.95 -2.96
CA VAL A 170 7.10 -17.68 -2.29
C VAL A 170 6.67 -19.16 -2.25
N PHE A 171 7.70 -20.04 -2.23
CA PHE A 171 7.40 -21.46 -2.25
C PHE A 171 8.66 -22.20 -1.83
N GLY A 172 8.52 -23.51 -1.82
CA GLY A 172 9.67 -24.35 -2.09
C GLY A 172 10.29 -24.73 -0.76
N PRO A 173 11.52 -25.34 -0.74
CA PRO A 173 12.13 -25.81 0.50
C PRO A 173 12.23 -24.67 1.52
N ASN A 174 11.54 -24.83 2.65
CA ASN A 174 11.53 -23.86 3.74
C ASN A 174 10.80 -22.55 3.38
N GLY A 175 10.19 -22.42 2.18
CA GLY A 175 9.47 -21.17 1.86
C GLY A 175 10.41 -20.07 1.37
N GLU A 176 11.61 -20.49 1.00
CA GLU A 176 12.69 -19.55 0.74
C GLU A 176 12.75 -19.11 -0.71
N GLN A 177 12.14 -19.85 -1.63
CA GLN A 177 12.19 -19.49 -3.04
C GLN A 177 11.16 -18.42 -3.38
N THR A 178 11.58 -17.48 -4.24
CA THR A 178 10.65 -16.47 -4.79
C THR A 178 10.49 -16.66 -6.27
N ALA A 179 9.29 -16.27 -6.76
CA ALA A 179 9.07 -16.20 -8.20
C ALA A 179 8.14 -15.05 -8.53
N GLU A 180 8.52 -14.32 -9.57
CA GLU A 180 7.66 -13.33 -10.22
C GLU A 180 6.58 -14.05 -11.00
N VAL A 181 5.32 -13.58 -10.87
CA VAL A 181 4.21 -14.24 -11.56
C VAL A 181 3.33 -13.25 -12.33
N THR A 182 3.51 -11.93 -12.13
CA THR A 182 2.66 -10.93 -12.74
C THR A 182 3.53 -9.79 -13.23
N TRP A 183 2.92 -8.76 -13.82
CA TRP A 183 3.60 -7.59 -14.30
C TRP A 183 3.55 -6.52 -13.23
N HIS A 184 4.42 -5.53 -13.37
CA HIS A 184 4.40 -4.39 -12.48
C HIS A 184 4.43 -3.10 -13.28
N GLY A 185 3.48 -2.22 -13.00
CA GLY A 185 3.49 -0.89 -13.58
C GLY A 185 3.16 -0.98 -15.07
N LYS A 186 3.58 0.06 -15.78
CA LYS A 186 3.21 0.31 -17.16
C LYS A 186 4.52 0.53 -17.90
N GLY A 187 4.76 -0.27 -18.94
CA GLY A 187 5.89 -0.05 -19.82
C GLY A 187 7.18 -0.55 -19.18
N ASN A 188 7.03 -1.37 -18.13
CA ASN A 188 8.15 -2.05 -17.52
C ASN A 188 8.28 -3.43 -18.18
N GLU A 189 9.48 -3.97 -18.16
CA GLU A 189 9.70 -5.28 -18.75
C GLU A 189 9.42 -6.33 -17.68
N ASP A 190 8.65 -7.35 -18.12
CA ASP A 190 8.21 -8.53 -17.39
C ASP A 190 9.43 -9.30 -16.86
N ARG A 191 9.31 -9.89 -15.65
CA ARG A 191 10.38 -10.71 -15.08
C ARG A 191 9.82 -12.05 -14.60
N ARG A 192 8.71 -12.49 -15.19
CA ARG A 192 7.99 -13.66 -14.74
C ARG A 192 8.92 -14.89 -14.71
N GLY A 193 8.87 -15.63 -13.60
CA GLY A 193 9.72 -16.79 -13.40
C GLY A 193 10.99 -16.49 -12.62
N GLN A 194 11.41 -15.24 -12.59
CA GLN A 194 12.64 -14.84 -11.91
C GLN A 194 12.42 -14.75 -10.40
N THR A 195 13.53 -14.85 -9.66
CA THR A 195 13.54 -14.51 -8.25
C THR A 195 13.40 -12.99 -8.10
N VAL A 196 13.21 -12.55 -6.88
CA VAL A 196 13.22 -11.12 -6.56
C VAL A 196 14.57 -10.71 -5.99
N ASN A 197 15.59 -11.58 -6.03
CA ASN A 197 16.85 -11.25 -5.37
C ASN A 197 17.57 -10.03 -5.92
N ALA A 198 17.54 -9.76 -7.22
CA ALA A 198 18.20 -8.56 -7.73
C ALA A 198 17.55 -7.30 -7.15
N GLY A 199 16.21 -7.30 -7.06
CA GLY A 199 15.49 -6.16 -6.50
C GLY A 199 15.75 -5.93 -5.03
N VAL A 200 15.90 -7.00 -4.23
CA VAL A 200 16.27 -6.88 -2.84
C VAL A 200 17.69 -6.31 -2.76
N ALA A 201 18.61 -6.90 -3.56
CA ALA A 201 20.00 -6.50 -3.54
C ALA A 201 20.19 -5.02 -3.92
N GLU A 202 19.33 -4.49 -4.80
CA GLU A 202 19.38 -3.10 -5.30
C GLU A 202 18.92 -2.10 -4.22
N ARG A 203 18.29 -2.58 -3.16
CA ARG A 203 17.69 -1.78 -2.08
C ARG A 203 16.61 -0.85 -2.62
N SER A 204 15.83 -1.31 -3.60
CA SER A 204 14.67 -0.54 -4.07
C SER A 204 13.54 -0.60 -3.05
N TRP A 205 12.69 0.41 -3.04
CA TRP A 205 11.46 0.35 -2.27
C TRP A 205 10.55 -0.78 -2.72
N LEU A 206 10.56 -1.09 -4.01
CA LEU A 206 9.60 -2.07 -4.49
C LEU A 206 9.78 -3.44 -3.80
N TYR A 207 10.99 -3.80 -3.40
CA TYR A 207 11.24 -5.10 -2.76
C TYR A 207 11.57 -4.98 -1.27
N LEU A 208 11.51 -3.77 -0.70
CA LEU A 208 11.55 -3.51 0.72
C LEU A 208 12.82 -4.06 1.37
N LYS A 209 13.92 -4.14 0.63
CA LYS A 209 15.17 -4.66 1.17
C LYS A 209 15.00 -6.05 1.79
N GLY A 210 13.98 -6.76 1.26
CA GLY A 210 13.69 -8.10 1.72
C GLY A 210 12.69 -8.18 2.86
N SER A 211 12.30 -7.03 3.45
CA SER A 211 11.35 -6.96 4.54
C SER A 211 9.90 -6.88 4.01
N TYR A 212 9.56 -7.77 3.08
CA TYR A 212 8.22 -7.83 2.50
C TYR A 212 7.42 -8.89 3.23
N MET A 213 6.13 -8.87 2.94
CA MET A 213 5.16 -9.72 3.63
C MET A 213 5.18 -11.08 2.97
N ARG A 214 5.35 -12.13 3.80
CA ARG A 214 5.19 -13.50 3.36
C ARG A 214 3.92 -14.01 4.00
N CYS A 215 2.89 -14.18 3.19
CA CYS A 215 1.58 -14.47 3.74
C CYS A 215 1.45 -15.96 4.06
N ASP A 216 0.68 -16.22 5.09
CA ASP A 216 0.08 -17.54 5.26
C ASP A 216 -1.31 -17.48 4.66
N ARG A 217 -2.05 -18.58 4.69
CA ARG A 217 -3.34 -18.59 4.04
C ARG A 217 -4.32 -17.57 4.64
N LYS A 218 -4.24 -17.34 5.96
CA LYS A 218 -5.10 -16.38 6.60
C LYS A 218 -4.80 -14.93 6.19
N MET A 219 -3.50 -14.61 6.03
CA MET A 219 -3.12 -13.32 5.48
C MET A 219 -3.53 -13.17 4.01
N GLU A 220 -3.60 -14.27 3.26
CA GLU A 220 -4.12 -14.23 1.89
C GLU A 220 -5.60 -13.87 1.88
N VAL A 221 -6.35 -14.35 2.89
CA VAL A 221 -7.72 -13.90 3.07
C VAL A 221 -7.79 -12.41 3.37
N ALA A 222 -6.89 -11.92 4.24
CA ALA A 222 -6.85 -10.51 4.50
C ALA A 222 -6.58 -9.68 3.23
N PHE A 223 -5.68 -10.16 2.40
CA PHE A 223 -5.39 -9.48 1.14
C PHE A 223 -6.65 -9.30 0.33
N MET A 224 -7.41 -10.40 0.15
CA MET A 224 -8.57 -10.31 -0.71
C MET A 224 -9.63 -9.36 -0.14
N VAL A 225 -9.66 -9.24 1.20
CA VAL A 225 -10.55 -8.29 1.83
C VAL A 225 -10.09 -6.86 1.58
N CYS A 226 -8.79 -6.60 1.73
CA CYS A 226 -8.25 -5.30 1.39
C CYS A 226 -8.46 -4.99 -0.11
N ALA A 227 -8.56 -6.03 -0.96
CA ALA A 227 -8.74 -5.86 -2.39
C ALA A 227 -10.18 -5.53 -2.77
N ILE A 228 -11.15 -5.69 -1.84
CA ILE A 228 -12.48 -5.18 -2.10
C ILE A 228 -12.39 -3.72 -2.54
N ASN A 229 -13.15 -3.37 -3.59
CA ASN A 229 -13.21 -2.04 -4.14
C ASN A 229 -14.64 -1.57 -4.08
N PRO A 230 -14.99 -0.76 -3.05
CA PRO A 230 -16.32 -0.14 -3.01
C PRO A 230 -16.68 0.91 -4.06
N SER A 231 -15.71 1.38 -4.86
CA SER A 231 -15.95 2.47 -5.82
C SER A 231 -17.01 2.03 -6.84
N ILE A 232 -18.08 2.84 -6.94
CA ILE A 232 -19.05 2.70 -8.02
C ILE A 232 -18.60 3.53 -9.21
N ASP A 233 -18.20 4.78 -8.93
CA ASP A 233 -17.50 5.63 -9.86
C ASP A 233 -16.52 6.46 -9.03
N LEU A 234 -15.89 7.46 -9.65
CA LEU A 234 -14.95 8.31 -8.90
C LEU A 234 -15.68 9.10 -7.81
N HIS A 235 -16.98 9.34 -7.97
CA HIS A 235 -17.72 10.23 -7.06
C HIS A 235 -18.29 9.46 -5.87
N THR A 236 -18.61 8.17 -6.05
CA THR A 236 -19.50 7.44 -5.15
C THR A 236 -18.94 6.06 -4.77
N ASP A 237 -19.10 5.66 -3.50
CA ASP A 237 -18.78 4.34 -2.99
C ASP A 237 -20.02 3.58 -2.53
N SER A 238 -20.03 2.23 -2.64
CA SER A 238 -21.08 1.37 -2.09
C SER A 238 -20.93 1.29 -0.57
N LEU A 239 -21.99 1.69 0.15
CA LEU A 239 -22.01 1.57 1.59
C LEU A 239 -21.96 0.12 2.02
N GLU A 240 -22.66 -0.78 1.31
CA GLU A 240 -22.65 -2.18 1.64
C GLU A 240 -21.22 -2.71 1.53
N LEU A 241 -20.49 -2.37 0.45
CA LEU A 241 -19.15 -2.96 0.31
C LEU A 241 -18.20 -2.36 1.36
N LEU A 242 -18.33 -1.08 1.69
CA LEU A 242 -17.52 -0.52 2.79
C LEU A 242 -17.79 -1.30 4.08
N GLN A 243 -19.08 -1.50 4.41
CA GLN A 243 -19.45 -2.21 5.63
C GLN A 243 -18.94 -3.65 5.66
N LEU A 244 -19.01 -4.34 4.51
CA LEU A 244 -18.51 -5.69 4.42
C LEU A 244 -16.99 -5.74 4.67
N GLN A 245 -16.27 -4.83 4.00
CA GLN A 245 -14.82 -4.76 4.17
C GLN A 245 -14.47 -4.53 5.63
N GLN A 246 -15.18 -3.60 6.25
CA GLN A 246 -14.90 -3.22 7.62
C GLN A 246 -15.17 -4.39 8.57
N LYS A 247 -16.32 -5.07 8.40
CA LYS A 247 -16.65 -6.20 9.26
C LYS A 247 -15.66 -7.36 9.08
N LEU A 248 -15.23 -7.62 7.82
CA LEU A 248 -14.26 -8.66 7.57
C LEU A 248 -12.89 -8.33 8.14
N LEU A 249 -12.50 -7.06 8.08
CA LEU A 249 -11.25 -6.67 8.70
C LEU A 249 -11.27 -6.84 10.23
N TRP A 250 -12.41 -6.55 10.86
CA TRP A 250 -12.50 -6.78 12.30
C TRP A 250 -12.45 -8.25 12.69
N LEU A 251 -13.06 -9.10 11.85
CA LEU A 251 -13.02 -10.53 12.04
C LEU A 251 -11.57 -10.99 11.99
N LEU A 252 -10.80 -10.56 10.95
CA LEU A 252 -9.43 -10.96 10.82
C LEU A 252 -8.62 -10.39 11.99
N TYR A 253 -8.92 -9.14 12.35
CA TYR A 253 -8.22 -8.47 13.47
C TYR A 253 -8.29 -9.32 14.76
N ASP A 254 -9.51 -9.75 15.06
CA ASP A 254 -9.77 -10.47 16.31
C ASP A 254 -9.10 -11.86 16.32
N LEU A 255 -8.95 -12.48 15.15
CA LEU A 255 -8.28 -13.76 15.04
C LEU A 255 -6.76 -13.67 14.99
N GLY A 256 -6.20 -12.44 14.92
CA GLY A 256 -4.75 -12.27 14.92
C GLY A 256 -4.14 -12.13 13.52
N HIS A 257 -4.97 -12.07 12.49
CA HIS A 257 -4.47 -12.22 11.13
C HIS A 257 -4.05 -10.87 10.54
N LEU A 258 -4.25 -9.76 11.24
CA LEU A 258 -3.73 -8.48 10.78
C LEU A 258 -2.44 -8.11 11.51
N GLU A 259 -1.98 -8.92 12.45
CA GLU A 259 -0.81 -8.59 13.26
C GLU A 259 0.39 -8.23 12.41
N ARG A 260 0.59 -8.90 11.27
CA ARG A 260 1.74 -8.74 10.40
C ARG A 260 1.35 -8.04 9.08
N TYR A 261 0.28 -7.26 9.12
CA TYR A 261 -0.22 -6.65 7.88
C TYR A 261 -0.50 -5.17 8.10
N PRO A 262 0.60 -4.32 8.14
CA PRO A 262 0.41 -2.91 8.44
C PRO A 262 -0.64 -2.18 7.58
N MET A 263 -0.64 -2.40 6.26
CA MET A 263 -1.53 -1.65 5.40
C MET A 263 -3.00 -1.94 5.70
N ALA A 264 -3.28 -3.18 6.10
CA ALA A 264 -4.64 -3.56 6.46
C ALA A 264 -5.08 -2.82 7.72
N LEU A 265 -4.18 -2.60 8.69
CA LEU A 265 -4.56 -1.86 9.90
C LEU A 265 -4.86 -0.39 9.57
N GLY A 266 -4.08 0.19 8.64
CA GLY A 266 -4.36 1.52 8.17
C GLY A 266 -5.67 1.62 7.41
N ASN A 267 -5.96 0.65 6.52
CA ASN A 267 -7.24 0.59 5.84
C ASN A 267 -8.40 0.51 6.86
N LEU A 268 -8.25 -0.29 7.88
CA LEU A 268 -9.28 -0.44 8.93
C LEU A 268 -9.46 0.90 9.66
N ALA A 269 -8.36 1.58 9.95
CA ALA A 269 -8.42 2.87 10.62
C ALA A 269 -9.20 3.86 9.80
N ASP A 270 -8.94 3.90 8.47
CA ASP A 270 -9.65 4.79 7.60
C ASP A 270 -11.14 4.51 7.62
N LEU A 271 -11.49 3.21 7.60
CA LEU A 271 -12.90 2.86 7.63
C LEU A 271 -13.55 3.30 8.95
N GLU A 272 -12.84 3.18 10.06
CA GLU A 272 -13.34 3.58 11.37
C GLU A 272 -13.56 5.07 11.45
N GLU A 273 -12.73 5.87 10.80
CA GLU A 273 -12.93 7.31 10.79
C GLU A 273 -14.24 7.64 10.09
N LEU A 274 -14.52 6.93 8.99
CA LEU A 274 -15.72 7.14 8.22
C LEU A 274 -16.95 6.69 9.01
N GLU A 275 -16.88 5.55 9.69
CA GLU A 275 -18.05 5.03 10.38
C GLU A 275 -17.62 4.19 11.56
N PRO A 276 -17.49 4.77 12.75
CA PRO A 276 -16.89 4.05 13.87
C PRO A 276 -17.76 2.91 14.39
N THR A 277 -17.12 1.78 14.66
CA THR A 277 -17.74 0.60 15.26
C THR A 277 -17.73 0.76 16.79
N PRO A 278 -18.91 0.76 17.48
CA PRO A 278 -18.91 0.88 18.94
C PRO A 278 -18.02 -0.14 19.59
N GLY A 279 -17.23 0.30 20.56
CA GLY A 279 -16.43 -0.61 21.36
C GLY A 279 -15.04 -0.85 20.78
N ARG A 280 -14.74 -0.30 19.61
CA ARG A 280 -13.49 -0.61 18.95
C ARG A 280 -12.48 0.52 19.15
N PRO A 281 -11.17 0.21 18.97
CA PRO A 281 -10.11 1.21 19.01
C PRO A 281 -10.38 2.36 18.04
N ASP A 282 -9.92 3.55 18.44
CA ASP A 282 -10.02 4.75 17.64
C ASP A 282 -9.11 4.62 16.42
N PRO A 283 -9.40 5.35 15.32
CA PRO A 283 -8.47 5.41 14.18
C PRO A 283 -7.01 5.64 14.56
N LEU A 284 -6.70 6.68 15.36
CA LEU A 284 -5.31 6.92 15.74
C LEU A 284 -4.66 5.68 16.35
N THR A 285 -5.36 4.94 17.24
CA THR A 285 -4.81 3.73 17.84
C THR A 285 -4.44 2.70 16.77
N LEU A 286 -5.31 2.59 15.78
CA LEU A 286 -5.08 1.62 14.72
C LEU A 286 -3.93 2.03 13.80
N TYR A 287 -3.85 3.34 13.49
CA TYR A 287 -2.68 3.79 12.74
C TYR A 287 -1.37 3.49 13.46
N HIS A 288 -1.37 3.71 14.80
CA HIS A 288 -0.20 3.38 15.60
C HIS A 288 0.08 1.89 15.70
N LYS A 289 -0.96 1.06 15.65
CA LYS A 289 -0.78 -0.37 15.57
C LYS A 289 -0.11 -0.80 14.25
N GLY A 290 -0.49 -0.15 13.15
CA GLY A 290 0.13 -0.41 11.86
C GLY A 290 1.62 -0.10 11.85
N ILE A 291 1.98 1.04 12.46
CA ILE A 291 3.38 1.40 12.60
C ILE A 291 4.12 0.41 13.48
N ALA A 292 3.49 -0.01 14.59
CA ALA A 292 4.09 -1.00 15.48
C ALA A 292 4.31 -2.36 14.79
N SER A 293 3.36 -2.78 13.95
CA SER A 293 3.52 -4.00 13.18
C SER A 293 4.74 -3.90 12.23
N ALA A 294 4.92 -2.75 11.54
CA ALA A 294 6.04 -2.58 10.66
C ALA A 294 7.38 -2.61 11.43
N LYS A 295 7.40 -1.98 12.61
CA LYS A 295 8.61 -1.98 13.43
C LYS A 295 8.95 -3.36 13.96
N THR A 296 7.91 -4.12 14.33
CA THR A 296 8.06 -5.45 14.91
C THR A 296 8.44 -6.54 13.93
N TYR A 297 7.75 -6.57 12.76
CA TYR A 297 7.94 -7.63 11.82
C TYR A 297 8.81 -7.31 10.60
N TYR A 298 8.92 -6.02 10.24
CA TYR A 298 9.53 -5.66 8.98
C TYR A 298 10.61 -4.59 9.16
N ARG A 299 11.28 -4.60 10.33
CA ARG A 299 12.50 -3.79 10.51
C ARG A 299 12.22 -2.31 10.31
N ASP A 300 10.96 -1.88 10.48
CA ASP A 300 10.59 -0.48 10.27
C ASP A 300 11.01 0.00 8.89
N GLU A 301 10.85 -0.85 7.86
CA GLU A 301 11.25 -0.54 6.51
C GLU A 301 10.06 -0.21 5.61
N HIS A 302 8.85 -0.04 6.16
CA HIS A 302 7.67 0.26 5.37
C HIS A 302 7.34 1.74 5.42
N ILE A 303 6.89 2.28 4.30
CA ILE A 303 6.56 3.69 4.15
C ILE A 303 5.11 3.99 4.51
N TYR A 304 4.16 3.15 4.03
CA TYR A 304 2.77 3.53 4.12
C TYR A 304 2.21 3.57 5.53
N PRO A 305 2.75 2.87 6.55
CA PRO A 305 2.19 3.07 7.89
C PRO A 305 2.24 4.53 8.34
N TYR A 306 3.34 5.21 8.01
CA TYR A 306 3.49 6.60 8.36
C TYR A 306 2.66 7.47 7.44
N MET A 307 2.53 7.12 6.15
N MET A 307 2.55 7.12 6.14
CA MET A 307 1.70 7.90 5.23
CA MET A 307 1.72 7.91 5.26
C MET A 307 0.22 7.84 5.60
C MET A 307 0.25 7.87 5.69
N TYR A 308 -0.26 6.68 6.06
CA TYR A 308 -1.61 6.57 6.55
C TYR A 308 -1.85 7.54 7.72
N LEU A 309 -0.93 7.54 8.68
CA LEU A 309 -1.03 8.43 9.83
C LEU A 309 -1.00 9.91 9.44
N ALA A 310 -0.05 10.26 8.54
CA ALA A 310 0.12 11.63 8.14
C ALA A 310 -1.13 12.12 7.45
N ARG A 311 -1.74 11.29 6.61
CA ARG A 311 -2.94 11.67 5.87
C ARG A 311 -4.09 11.89 6.86
N TYR A 312 -4.19 11.07 7.90
CA TYR A 312 -5.20 11.28 8.93
C TYR A 312 -5.03 12.65 9.61
N HIS A 313 -3.80 12.98 9.95
CA HIS A 313 -3.56 14.25 10.62
C HIS A 313 -3.81 15.40 9.66
N CYS A 314 -3.54 15.18 8.38
N CYS A 314 -3.40 15.27 8.39
CA CYS A 314 -3.71 16.23 7.40
CA CYS A 314 -3.72 16.30 7.41
C CYS A 314 -5.18 16.50 7.11
C CYS A 314 -5.23 16.52 7.41
N ARG A 315 -5.99 15.44 7.19
CA ARG A 315 -7.42 15.57 7.01
C ARG A 315 -8.01 16.29 8.21
N ASN A 316 -7.43 16.04 9.40
CA ASN A 316 -7.95 16.62 10.62
C ASN A 316 -7.29 17.97 10.91
N ARG A 317 -6.50 18.51 9.96
CA ARG A 317 -5.84 19.82 10.09
C ARG A 317 -4.91 19.92 11.32
N ASN A 318 -4.42 18.75 11.76
N ASN A 318 -4.33 18.77 11.74
CA ASN A 318 -3.37 18.63 12.75
CA ASN A 318 -3.36 18.76 12.81
C ASN A 318 -2.02 18.87 12.05
C ASN A 318 -1.93 18.87 12.28
N VAL A 319 -1.52 20.13 12.03
CA VAL A 319 -0.32 20.45 11.25
C VAL A 319 0.91 19.84 11.91
N ARG A 320 1.10 20.05 13.21
CA ARG A 320 2.24 19.49 13.90
C ARG A 320 2.39 17.97 13.70
N GLU A 321 1.33 17.23 13.99
CA GLU A 321 1.38 15.78 13.90
C GLU A 321 1.48 15.28 12.46
N ALA A 322 0.90 16.02 11.50
CA ALA A 322 1.06 15.70 10.07
C ALA A 322 2.53 15.86 9.69
N LEU A 323 3.13 17.01 10.04
CA LEU A 323 4.54 17.19 9.73
C LEU A 323 5.42 16.13 10.38
N GLN A 324 5.20 15.82 11.68
CA GLN A 324 5.92 14.77 12.34
C GLN A 324 5.83 13.44 11.57
N ALA A 325 4.62 13.04 11.18
CA ALA A 325 4.44 11.77 10.51
C ALA A 325 5.13 11.76 9.14
N TRP A 326 5.11 12.86 8.40
N TRP A 326 5.02 12.89 8.40
CA TRP A 326 5.83 12.83 7.11
CA TRP A 326 5.68 13.04 7.11
C TRP A 326 7.34 12.81 7.36
C TRP A 326 7.21 12.98 7.27
N ALA A 327 7.77 13.51 8.38
CA ALA A 327 9.18 13.43 8.71
C ALA A 327 9.58 11.97 8.98
N ASP A 328 8.70 11.25 9.70
CA ASP A 328 8.97 9.85 9.99
C ASP A 328 8.94 9.00 8.71
N THR A 329 8.08 9.36 7.79
N THR A 329 8.11 9.36 7.69
CA THR A 329 8.05 8.68 6.52
CA THR A 329 8.02 8.69 6.39
C THR A 329 9.42 8.79 5.86
C THR A 329 9.36 8.82 5.67
N ALA A 330 9.91 10.04 5.75
CA ALA A 330 11.19 10.33 5.12
C ALA A 330 12.34 9.64 5.84
N THR A 331 12.22 9.43 7.15
CA THR A 331 13.30 8.77 7.87
C THR A 331 13.37 7.29 7.45
N VAL A 332 12.25 6.73 6.97
CA VAL A 332 12.31 5.36 6.46
C VAL A 332 12.92 5.33 5.05
N ILE A 333 12.48 6.22 4.16
CA ILE A 333 12.90 6.19 2.78
C ILE A 333 14.39 6.47 2.67
N GLN A 334 14.98 7.17 3.64
CA GLN A 334 16.35 7.62 3.45
C GLN A 334 17.35 6.47 3.25
N ASP A 335 17.00 5.26 3.75
CA ASP A 335 17.86 4.10 3.71
C ASP A 335 17.56 3.20 2.51
N TYR A 336 16.83 3.70 1.52
CA TYR A 336 16.59 3.07 0.25
C TYR A 336 17.37 3.76 -0.84
N ASN A 337 17.53 3.06 -1.96
CA ASN A 337 17.95 3.62 -3.21
C ASN A 337 16.73 3.78 -4.13
N TYR A 338 16.63 4.92 -4.78
CA TYR A 338 15.55 5.21 -5.68
C TYR A 338 15.85 4.52 -7.00
N CYS A 339 15.02 3.55 -7.34
CA CYS A 339 15.26 2.68 -8.50
C CYS A 339 14.10 2.79 -9.47
N ARG A 340 14.30 2.28 -10.69
CA ARG A 340 13.41 2.50 -11.83
C ARG A 340 11.92 2.18 -11.66
N GLU A 341 11.55 1.20 -10.87
CA GLU A 341 10.14 0.83 -10.72
C GLU A 341 9.60 1.28 -9.36
N ASP A 342 10.25 2.26 -8.73
CA ASP A 342 9.79 2.86 -7.49
C ASP A 342 9.00 4.14 -7.71
N GLU A 343 8.50 4.40 -8.93
CA GLU A 343 7.91 5.69 -9.23
C GLU A 343 6.65 5.99 -8.39
N GLU A 344 5.88 5.00 -7.91
CA GLU A 344 4.70 5.33 -7.15
C GLU A 344 5.09 6.07 -5.87
N ILE A 345 6.15 5.61 -5.17
CA ILE A 345 6.47 6.28 -3.91
C ILE A 345 7.12 7.64 -4.19
N TYR A 346 7.85 7.78 -5.32
CA TYR A 346 8.33 9.09 -5.74
C TYR A 346 7.16 10.06 -5.88
N LYS A 347 6.12 9.63 -6.61
CA LYS A 347 4.94 10.45 -6.82
C LYS A 347 4.29 10.85 -5.47
N GLU A 348 4.25 9.93 -4.51
CA GLU A 348 3.69 10.25 -3.20
C GLU A 348 4.54 11.32 -2.50
N PHE A 349 5.86 11.17 -2.46
CA PHE A 349 6.69 12.16 -1.81
C PHE A 349 6.60 13.50 -2.53
N PHE A 350 6.56 13.50 -3.87
CA PHE A 350 6.48 14.71 -4.66
C PHE A 350 5.21 15.50 -4.32
N GLU A 351 4.07 14.78 -4.19
CA GLU A 351 2.81 15.42 -3.88
C GLU A 351 2.87 15.98 -2.46
N VAL A 352 3.50 15.27 -1.54
CA VAL A 352 3.56 15.79 -0.17
C VAL A 352 4.40 17.08 -0.12
N ALA A 353 5.58 17.05 -0.73
CA ALA A 353 6.47 18.21 -0.66
C ALA A 353 5.94 19.40 -1.42
N ASN A 354 5.31 19.15 -2.59
CA ASN A 354 5.05 20.18 -3.57
C ASN A 354 3.57 20.56 -3.66
N ASP A 355 2.68 19.91 -2.88
CA ASP A 355 1.26 20.22 -2.88
C ASP A 355 0.70 20.18 -1.46
N VAL A 356 0.83 19.06 -0.76
CA VAL A 356 0.14 18.85 0.50
C VAL A 356 0.70 19.76 1.59
N ILE A 357 2.02 19.73 1.79
CA ILE A 357 2.60 20.55 2.84
C ILE A 357 2.42 22.03 2.49
N PRO A 358 2.67 22.52 1.26
CA PRO A 358 2.40 23.91 0.92
C PRO A 358 1.00 24.35 1.29
N ASN A 359 -0.02 23.51 1.02
CA ASN A 359 -1.40 23.91 1.28
C ASN A 359 -1.67 23.92 2.78
N LEU A 360 -1.12 23.00 3.55
CA LEU A 360 -1.27 22.99 5.00
C LEU A 360 -0.66 24.27 5.57
N LEU A 361 0.54 24.64 5.11
CA LEU A 361 1.22 25.80 5.69
C LEU A 361 0.54 27.08 5.26
N LYS A 362 -0.05 27.10 4.06
CA LYS A 362 -0.79 28.27 3.60
C LYS A 362 -1.97 28.54 4.53
N GLU A 363 -2.71 27.48 4.82
CA GLU A 363 -3.86 27.63 5.71
C GLU A 363 -3.36 28.06 7.08
N ALA A 364 -2.28 27.41 7.56
CA ALA A 364 -1.74 27.78 8.87
C ALA A 364 -1.37 29.26 8.90
N ALA A 365 -0.80 29.79 7.80
CA ALA A 365 -0.38 31.18 7.75
C ALA A 365 -1.61 32.08 7.91
N SER A 366 -2.70 31.72 7.23
CA SER A 366 -3.94 32.47 7.42
C SER A 366 -4.43 32.41 8.86
N LEU A 367 -4.44 31.21 9.50
CA LEU A 367 -4.99 31.08 10.85
C LEU A 367 -4.09 31.79 11.87
N LEU A 368 -2.79 31.85 11.56
CA LEU A 368 -1.84 32.58 12.39
C LEU A 368 -2.16 34.06 12.35
N GLU A 369 -2.47 34.57 11.15
CA GLU A 369 -2.83 35.97 11.00
C GLU A 369 -4.08 36.27 11.82
N ALA A 370 -4.96 35.26 11.91
CA ALA A 370 -6.20 35.34 12.68
C ALA A 370 -6.00 35.09 14.18
N GLY A 371 -4.75 34.91 14.63
CA GLY A 371 -4.44 34.86 16.06
C GLY A 371 -4.53 33.46 16.65
N SER A 372 -4.32 32.41 15.84
CA SER A 372 -4.17 31.10 16.43
C SER A 372 -3.05 31.10 17.47
N GLN A 373 -3.29 30.34 18.55
CA GLN A 373 -2.30 30.04 19.57
C GLN A 373 -1.86 28.60 19.34
N GLY A 374 -0.60 28.33 19.67
CA GLY A 374 -0.06 27.00 19.54
C GLY A 374 0.16 26.63 18.07
N SER A 375 0.18 27.64 17.17
CA SER A 375 0.39 27.41 15.73
C SER A 375 1.66 26.60 15.47
N ALA A 376 1.58 25.60 14.59
CA ALA A 376 2.75 24.94 14.04
C ALA A 376 3.75 25.99 13.55
N LEU A 377 3.30 27.13 12.99
CA LEU A 377 4.27 28.05 12.37
C LEU A 377 5.09 28.82 13.41
N GLN A 378 4.68 28.73 14.67
CA GLN A 378 5.48 29.35 15.74
C GLN A 378 6.16 28.30 16.59
N ASP A 379 6.05 27.04 16.18
CA ASP A 379 6.68 25.96 16.88
C ASP A 379 7.97 25.55 16.19
N PRO A 380 9.14 25.77 16.81
CA PRO A 380 10.38 25.29 16.21
C PRO A 380 10.47 23.77 15.97
N GLU A 381 9.82 22.95 16.80
CA GLU A 381 9.78 21.51 16.55
C GLU A 381 9.09 21.19 15.21
N CYS A 382 8.10 21.99 14.82
CA CYS A 382 7.46 21.85 13.52
C CYS A 382 8.39 22.20 12.36
N PHE A 383 9.15 23.31 12.51
CA PHE A 383 10.19 23.61 11.56
C PHE A 383 11.18 22.45 11.47
N ALA A 384 11.60 21.89 12.59
CA ALA A 384 12.52 20.77 12.58
C ALA A 384 11.92 19.58 11.80
N HIS A 385 10.62 19.32 11.99
CA HIS A 385 10.01 18.21 11.22
C HIS A 385 10.07 18.47 9.72
N LEU A 386 9.79 19.70 9.29
CA LEU A 386 9.89 20.03 7.88
C LEU A 386 11.32 19.74 7.39
N LEU A 387 12.32 20.20 8.15
CA LEU A 387 13.72 19.96 7.77
C LEU A 387 14.04 18.46 7.71
N ARG A 388 13.55 17.68 8.67
CA ARG A 388 13.84 16.25 8.73
C ARG A 388 13.20 15.53 7.53
N PHE A 389 12.03 15.98 7.10
CA PHE A 389 11.39 15.50 5.89
C PHE A 389 12.32 15.69 4.70
N TYR A 390 12.81 16.92 4.48
CA TYR A 390 13.69 17.14 3.36
C TYR A 390 15.01 16.39 3.48
N ASP A 391 15.52 16.24 4.70
CA ASP A 391 16.77 15.51 4.92
C ASP A 391 16.62 14.07 4.44
N GLY A 392 15.49 13.48 4.77
CA GLY A 392 15.30 12.08 4.40
C GLY A 392 15.22 11.91 2.90
N ILE A 393 14.57 12.85 2.22
CA ILE A 393 14.46 12.79 0.78
C ILE A 393 15.85 12.95 0.16
N CYS A 394 16.62 13.90 0.65
CA CYS A 394 17.98 14.08 0.14
C CYS A 394 18.83 12.84 0.38
N LYS A 395 18.73 12.18 1.54
CA LYS A 395 19.57 11.02 1.81
C LYS A 395 19.12 9.87 0.92
N TRP A 396 17.81 9.75 0.67
CA TRP A 396 17.27 8.77 -0.26
C TRP A 396 18.00 8.84 -1.58
N GLU A 397 18.14 10.08 -2.08
CA GLU A 397 18.80 10.30 -3.36
C GLU A 397 20.26 9.84 -3.38
N GLU A 398 20.96 9.93 -2.25
CA GLU A 398 22.37 9.55 -2.17
C GLU A 398 22.53 8.09 -2.57
N GLY A 399 23.46 7.87 -3.49
CA GLY A 399 23.76 6.49 -3.85
C GLY A 399 22.74 5.89 -4.83
N SER A 400 21.69 6.62 -5.20
CA SER A 400 20.63 6.09 -6.06
C SER A 400 21.01 6.12 -7.54
N PRO A 401 20.48 5.18 -8.35
CA PRO A 401 20.77 5.16 -9.78
C PRO A 401 19.97 6.22 -10.53
N THR A 402 18.86 6.67 -9.90
CA THR A 402 18.01 7.73 -10.44
C THR A 402 18.07 8.90 -9.47
N PRO A 403 18.30 10.17 -9.92
CA PRO A 403 18.08 11.34 -9.07
C PRO A 403 16.63 11.51 -8.61
N VAL A 404 16.49 12.29 -7.52
CA VAL A 404 15.18 12.56 -6.95
C VAL A 404 14.83 14.04 -7.10
N LEU A 405 15.77 14.91 -6.65
CA LEU A 405 15.50 16.33 -6.55
C LEU A 405 15.78 17.02 -7.87
N HIS A 406 15.05 18.09 -8.08
CA HIS A 406 15.22 19.00 -9.20
C HIS A 406 14.69 20.38 -8.84
N VAL A 407 14.89 21.38 -9.73
CA VAL A 407 14.54 22.75 -9.40
C VAL A 407 13.05 22.92 -9.08
N GLY A 408 12.21 22.04 -9.65
CA GLY A 408 10.78 22.03 -9.37
C GLY A 408 10.50 21.82 -7.89
N TRP A 409 11.39 21.13 -7.17
CA TRP A 409 11.24 20.93 -5.75
C TRP A 409 11.72 22.17 -4.98
N ALA A 410 12.71 22.87 -5.54
CA ALA A 410 13.37 23.96 -4.84
C ALA A 410 12.44 25.13 -4.55
N THR A 411 11.57 25.46 -5.50
N THR A 411 11.57 25.47 -5.50
CA THR A 411 10.67 26.59 -5.33
CA THR A 411 10.70 26.62 -5.32
C THR A 411 9.76 26.34 -4.14
C THR A 411 9.73 26.35 -4.15
N PHE A 412 9.25 25.11 -4.00
CA PHE A 412 8.35 24.84 -2.88
C PHE A 412 9.09 24.79 -1.55
N LEU A 413 10.32 24.24 -1.54
CA LEU A 413 11.15 24.28 -0.34
C LEU A 413 11.31 25.73 0.13
N VAL A 414 11.69 26.66 -0.77
CA VAL A 414 11.92 28.03 -0.37
C VAL A 414 10.64 28.66 0.19
N GLN A 415 9.51 28.34 -0.46
CA GLN A 415 8.21 28.82 0.00
C GLN A 415 7.88 28.28 1.39
N SER A 416 8.04 26.98 1.62
CA SER A 416 7.70 26.39 2.90
C SER A 416 8.62 26.90 4.01
N LEU A 417 9.92 27.04 3.75
CA LEU A 417 10.83 27.61 4.76
C LEU A 417 10.37 28.98 5.18
N GLY A 418 9.96 29.77 4.19
CA GLY A 418 9.50 31.15 4.34
C GLY A 418 8.24 31.31 5.19
N ARG A 419 7.46 30.24 5.35
CA ARG A 419 6.26 30.29 6.16
C ARG A 419 6.56 30.36 7.67
N PHE A 420 7.80 30.04 8.07
CA PHE A 420 8.25 30.17 9.45
C PHE A 420 9.09 31.45 9.58
N GLU A 421 8.77 32.28 10.58
N GLU A 421 8.79 32.29 10.57
CA GLU A 421 9.54 33.50 10.85
CA GLU A 421 9.58 33.49 10.72
C GLU A 421 10.98 33.13 11.20
C GLU A 421 10.99 33.13 11.18
N GLY A 422 11.94 34.02 10.90
CA GLY A 422 13.34 33.85 11.27
C GLY A 422 13.52 33.54 12.74
N GLN A 423 12.77 34.18 13.63
CA GLN A 423 12.84 33.95 15.07
C GLN A 423 12.44 32.56 15.49
N VAL A 424 11.59 31.90 14.71
CA VAL A 424 11.23 30.54 14.98
C VAL A 424 12.35 29.65 14.44
N ARG A 425 12.76 29.89 13.19
CA ARG A 425 13.75 29.06 12.52
C ARG A 425 15.07 29.02 13.31
N GLN A 426 15.43 30.15 13.92
CA GLN A 426 16.65 30.26 14.70
C GLN A 426 16.68 29.41 15.95
N LYS A 427 15.53 28.95 16.44
CA LYS A 427 15.50 28.17 17.65
C LYS A 427 15.90 26.70 17.40
N VAL A 428 15.93 26.24 16.14
CA VAL A 428 16.37 24.87 15.92
C VAL A 428 17.90 24.80 15.93
N ARG A 429 18.50 23.92 16.76
CA ARG A 429 19.94 23.75 16.70
C ARG A 429 20.24 22.51 15.88
N ILE A 430 21.07 22.73 14.89
CA ILE A 430 21.42 21.67 13.98
C ILE A 430 22.77 21.18 14.45
N VAL A 431 22.77 19.98 15.03
CA VAL A 431 23.96 19.39 15.66
C VAL A 431 24.53 18.31 14.75
N SER A 432 25.87 18.25 14.73
CA SER A 432 26.64 17.32 13.92
C SER A 432 26.90 16.02 14.67
N VAL A 433 26.97 14.92 13.89
CA VAL A 433 27.57 13.67 14.32
C VAL A 433 28.90 13.48 13.55
N GLY A 444 16.09 23.69 23.47
CA GLY A 444 15.33 23.91 22.22
C GLY A 444 15.36 22.65 21.37
N PRO A 445 14.72 22.62 20.18
CA PRO A 445 14.77 21.46 19.30
C PRO A 445 16.19 21.35 18.82
N VAL A 446 16.61 20.09 18.66
CA VAL A 446 17.92 19.77 18.17
C VAL A 446 17.67 18.82 17.00
N LEU A 447 18.44 18.99 15.95
CA LEU A 447 18.23 18.18 14.78
C LEU A 447 19.60 17.75 14.26
N THR A 448 19.73 16.48 13.88
CA THR A 448 20.93 16.05 13.19
C THR A 448 20.55 15.72 11.75
N PHE A 449 21.30 16.25 10.79
CA PHE A 449 21.08 15.86 9.40
C PHE A 449 21.92 14.65 8.98
N GLN A 450 21.33 13.80 8.14
CA GLN A 450 21.99 12.64 7.58
C GLN A 450 22.48 12.90 6.16
N SER A 451 21.83 13.82 5.42
CA SER A 451 22.14 14.11 4.05
C SER A 451 23.20 15.19 3.92
N GLU A 452 24.10 15.02 2.94
CA GLU A 452 25.07 16.07 2.67
C GLU A 452 24.40 17.33 2.11
N LYS A 453 23.32 17.23 1.35
CA LYS A 453 22.64 18.42 0.87
C LYS A 453 22.16 19.26 2.03
N MET A 454 21.48 18.68 3.03
CA MET A 454 20.96 19.50 4.11
C MET A 454 22.09 19.99 5.00
N LYS A 455 23.14 19.20 5.24
CA LYS A 455 24.27 19.69 6.01
C LYS A 455 24.79 21.00 5.44
N GLY A 456 24.89 21.06 4.10
CA GLY A 456 25.40 22.28 3.48
C GLY A 456 24.43 23.43 3.51
N MET A 457 23.17 23.14 3.80
N MET A 457 23.16 23.13 3.79
CA MET A 457 22.13 24.14 3.75
CA MET A 457 22.08 24.09 3.80
C MET A 457 21.93 24.78 5.13
C MET A 457 21.98 24.82 5.14
N LYS A 458 22.60 24.25 6.17
CA LYS A 458 22.36 24.62 7.55
C LYS A 458 22.38 26.13 7.78
N GLU A 459 23.42 26.81 7.30
CA GLU A 459 23.55 28.22 7.60
C GLU A 459 22.49 29.04 6.87
N LEU A 460 21.98 28.56 5.73
CA LEU A 460 20.98 29.32 5.02
C LEU A 460 19.60 29.25 5.70
N LEU A 461 19.42 28.28 6.60
CA LEU A 461 18.09 27.96 7.11
C LEU A 461 17.64 28.93 8.19
N VAL A 462 18.47 29.88 8.68
CA VAL A 462 18.09 30.79 9.76
C VAL A 462 18.18 32.30 9.40
N ALA A 463 18.62 32.65 8.20
CA ALA A 463 18.56 34.03 7.78
C ALA A 463 17.13 34.57 7.89
N THR A 464 17.00 35.84 8.27
CA THR A 464 15.69 36.48 8.37
C THR A 464 15.03 36.43 6.99
N LYS A 465 15.87 36.75 5.97
CA LYS A 465 15.50 36.59 4.57
C LYS A 465 16.21 35.32 4.08
N ILE A 466 15.39 34.35 3.67
CA ILE A 466 15.88 33.12 3.07
C ILE A 466 16.46 33.50 1.69
N ASN A 467 17.67 33.03 1.44
CA ASN A 467 18.35 33.25 0.19
C ASN A 467 17.90 32.19 -0.82
N SER A 468 16.88 32.49 -1.57
CA SER A 468 16.27 31.59 -2.51
C SER A 468 17.28 31.00 -3.49
N SER A 469 18.11 31.84 -4.13
CA SER A 469 19.01 31.31 -5.13
C SER A 469 20.02 30.34 -4.50
N ALA A 470 20.54 30.69 -3.32
CA ALA A 470 21.52 29.85 -2.66
C ALA A 470 20.90 28.48 -2.32
N ILE A 471 19.65 28.50 -1.81
CA ILE A 471 18.95 27.25 -1.46
C ILE A 471 18.81 26.39 -2.70
N LYS A 472 18.32 26.95 -3.80
CA LYS A 472 18.17 26.22 -5.04
C LYS A 472 19.46 25.59 -5.50
N LEU A 473 20.58 26.31 -5.41
CA LEU A 473 21.88 25.76 -5.76
C LEU A 473 22.23 24.56 -4.88
N GLN A 474 21.95 24.66 -3.59
CA GLN A 474 22.30 23.62 -2.63
C GLN A 474 21.39 22.40 -2.83
N LEU A 475 20.10 22.59 -3.18
CA LEU A 475 19.20 21.43 -3.27
C LEU A 475 19.44 20.65 -4.56
N THR A 476 19.84 21.33 -5.63
CA THR A 476 19.90 20.71 -6.95
C THR A 476 21.34 20.52 -7.38
N ALA A 477 21.47 19.88 -8.55
CA ALA A 477 22.73 19.58 -9.20
C ALA A 477 23.31 20.85 -9.83
N GLN A 478 22.43 21.81 -10.16
CA GLN A 478 22.84 23.13 -10.62
C GLN A 478 23.94 23.67 -9.71
N SER A 479 25.03 24.21 -10.31
CA SER A 479 26.18 24.74 -9.57
C SER A 479 26.61 26.13 -10.06
N GLN A 480 25.99 26.60 -11.15
CA GLN A 480 26.29 27.91 -11.71
C GLN A 480 25.02 28.76 -11.80
N VAL A 481 25.18 30.09 -11.81
CA VAL A 481 24.06 31.00 -12.06
C VAL A 481 24.14 31.53 -13.51
N GLN A 482 23.09 32.24 -13.97
CA GLN A 482 23.01 32.70 -15.36
C GLN A 482 24.22 33.58 -15.69
N MET A 483 24.81 33.36 -16.87
CA MET A 483 26.03 34.04 -17.29
C MET A 483 25.76 35.54 -17.41
N LYS A 484 24.66 35.90 -18.09
CA LYS A 484 24.34 37.30 -18.34
C LYS A 484 23.44 37.83 -17.21
N SER B 2 -14.41 7.56 -14.25
CA SER B 2 -14.67 6.15 -13.99
C SER B 2 -13.75 5.66 -12.85
N ALA B 3 -14.40 4.65 -12.15
CA ALA B 3 -13.57 4.09 -11.04
C ALA B 3 -12.27 3.47 -11.55
N ARG B 4 -11.26 3.42 -10.66
CA ARG B 4 -9.93 2.94 -11.02
C ARG B 4 -9.45 1.87 -10.03
N TRP B 5 -8.59 1.00 -10.53
CA TRP B 5 -7.83 0.11 -9.68
C TRP B 5 -6.87 0.87 -8.77
N ARG B 6 -6.62 0.32 -7.58
CA ARG B 6 -5.48 0.78 -6.77
C ARG B 6 -4.94 -0.44 -6.05
N PHE B 7 -3.62 -0.46 -5.82
CA PHE B 7 -2.99 -1.58 -5.14
C PHE B 7 -3.69 -1.76 -3.79
N PRO B 8 -4.06 -3.01 -3.41
CA PRO B 8 -4.85 -3.20 -2.20
C PRO B 8 -4.25 -2.59 -0.95
N ALA B 9 -5.08 -1.79 -0.28
CA ALA B 9 -4.76 -1.16 1.00
C ALA B 9 -3.64 -0.13 0.87
N ARG B 10 -3.37 0.37 -0.34
CA ARG B 10 -2.56 1.56 -0.46
C ARG B 10 -3.33 2.74 0.15
N PRO B 11 -2.66 3.65 0.90
CA PRO B 11 -3.36 4.79 1.43
C PRO B 11 -3.78 5.79 0.35
N GLY B 12 -4.76 6.60 0.71
CA GLY B 12 -5.18 7.73 -0.12
C GLY B 12 -6.25 7.33 -1.10
N THR B 13 -6.44 8.34 -2.00
CA THR B 13 -7.68 8.23 -2.80
C THR B 13 -7.37 7.76 -4.22
#